data_8T1N
#
_entry.id   8T1N
#
_cell.length_a   40.580
_cell.length_b   94.990
_cell.length_c   101.530
_cell.angle_alpha   90.00
_cell.angle_beta   90.00
_cell.angle_gamma   90.00
#
_symmetry.space_group_name_H-M   'P 21 21 21'
#
_entity_poly.entity_id   1
_entity_poly.type   'polypeptide(L)'
_entity_poly.pdbx_seq_one_letter_code
;MSEDLRVGLFPVRYLVGTGLPGAPQLVLDLMVDTVDHSVVGRAAVSQAVSPPLNFHADVWGSYVFRLGPPPRRDGSGAIV
QISLQGNQGGPQSNSMITFYGELLLKGDGKTGVASYRYYSNGSWHEVENVPVKADPELVPIEPGPVIGQSSMSAIGSAAM
YGVAIQSAAASGDLAHMRTLSAYARQQLESRDEIAAALSELKAEIAKLESRQHHHHHH
;
_entity_poly.pdbx_strand_id   A,B
#
# COMPACT_ATOMS: atom_id res chain seq x y z
N LEU A 5 31.51 15.42 2.74
CA LEU A 5 31.38 14.08 3.37
C LEU A 5 31.11 13.04 2.27
N ARG A 6 31.88 13.08 1.18
CA ARG A 6 31.66 12.16 0.04
C ARG A 6 31.70 10.71 0.55
N VAL A 7 32.59 10.41 1.49
CA VAL A 7 32.69 9.03 2.05
C VAL A 7 31.35 8.68 2.70
N GLY A 8 30.82 9.56 3.55
CA GLY A 8 29.52 9.31 4.21
C GLY A 8 28.36 9.51 3.24
N LEU A 9 28.59 10.28 2.16
CA LEU A 9 27.53 10.56 1.17
C LEU A 9 27.35 9.35 0.24
N PHE A 10 26.14 9.12 -0.24
CA PHE A 10 25.85 7.98 -1.16
C PHE A 10 24.35 8.01 -1.47
N PRO A 11 23.90 7.64 -2.69
CA PRO A 11 22.47 7.75 -3.02
C PRO A 11 21.74 6.46 -2.70
N VAL A 12 20.42 6.57 -2.64
CA VAL A 12 19.55 5.41 -2.48
C VAL A 12 18.19 5.75 -3.06
N ARG A 13 17.62 4.73 -3.69
CA ARG A 13 16.34 4.78 -4.35
C ARG A 13 15.39 3.81 -3.64
N TYR A 14 14.22 4.31 -3.24
CA TYR A 14 13.23 3.46 -2.51
C TYR A 14 11.91 3.43 -3.30
N LEU A 15 11.47 2.22 -3.67
CA LEU A 15 10.15 2.08 -4.36
C LEU A 15 9.09 1.77 -3.31
N VAL A 16 8.21 2.73 -3.01
CA VAL A 16 7.22 2.54 -1.92
C VAL A 16 5.83 2.31 -2.52
N GLY A 17 5.32 1.08 -2.43
CA GLY A 17 3.99 0.76 -2.92
C GLY A 17 3.86 -0.74 -3.06
N THR A 18 2.60 -1.18 -3.14
CA THR A 18 2.32 -2.60 -3.33
C THR A 18 2.63 -3.12 -4.73
N GLY A 19 2.60 -2.26 -5.74
CA GLY A 19 2.81 -2.77 -7.09
C GLY A 19 1.56 -3.41 -7.71
N LEU A 20 0.39 -3.23 -7.07
CA LEU A 20 -0.80 -3.83 -7.65
C LEU A 20 -1.29 -2.89 -8.76
N PRO A 21 -1.82 -3.43 -9.85
CA PRO A 21 -2.37 -2.56 -10.91
C PRO A 21 -3.33 -1.54 -10.34
N GLY A 22 -3.08 -0.28 -10.70
CA GLY A 22 -3.93 0.80 -10.28
C GLY A 22 -3.58 1.29 -8.91
N ALA A 23 -2.63 0.64 -8.21
CA ALA A 23 -2.26 1.02 -6.85
C ALA A 23 -1.26 2.19 -6.86
N PRO A 24 -1.21 3.00 -5.78
CA PRO A 24 -0.24 4.10 -5.75
C PRO A 24 1.21 3.56 -5.73
N GLN A 25 2.10 4.33 -6.35
CA GLN A 25 3.52 4.00 -6.41
C GLN A 25 4.35 5.21 -6.02
N LEU A 26 5.25 5.03 -5.05
CA LEU A 26 6.18 6.08 -4.66
C LEU A 26 7.61 5.70 -5.03
N VAL A 27 8.27 6.59 -5.77
CA VAL A 27 9.71 6.37 -6.10
C VAL A 27 10.53 7.43 -5.35
N LEU A 28 11.59 7.01 -4.65
CA LEU A 28 12.35 7.97 -3.81
C LEU A 28 13.81 8.10 -4.25
N ASP A 29 14.11 8.92 -5.26
CA ASP A 29 15.53 9.13 -5.62
C ASP A 29 16.15 10.04 -4.55
N LEU A 30 16.73 9.46 -3.49
CA LEU A 30 17.23 10.29 -2.37
C LEU A 30 18.73 10.11 -2.17
N MET A 31 19.29 10.76 -1.15
CA MET A 31 20.75 10.65 -0.85
C MET A 31 20.92 10.50 0.66
N VAL A 32 21.95 9.79 1.11
CA VAL A 32 22.11 9.52 2.57
C VAL A 32 23.51 9.92 3.04
N ASP A 33 23.60 10.84 4.00
CA ASP A 33 24.90 11.22 4.57
C ASP A 33 24.96 10.41 5.87
N THR A 34 25.77 9.35 5.91
CA THR A 34 25.78 8.56 7.15
C THR A 34 26.47 9.25 8.31
N VAL A 35 26.97 10.48 8.14
CA VAL A 35 27.58 11.29 9.19
C VAL A 35 26.54 12.19 9.86
N ASP A 36 25.88 13.02 9.05
CA ASP A 36 24.87 13.97 9.59
C ASP A 36 23.53 13.25 9.74
N HIS A 37 23.45 11.99 9.28
CA HIS A 37 22.19 11.23 9.33
C HIS A 37 21.09 12.00 8.59
N SER A 38 21.48 12.84 7.63
CA SER A 38 20.52 13.66 6.87
C SER A 38 20.02 12.89 5.65
N VAL A 39 18.83 13.22 5.16
CA VAL A 39 18.33 12.58 3.92
C VAL A 39 17.71 13.67 3.03
N VAL A 40 17.95 13.61 1.72
CA VAL A 40 17.37 14.62 0.79
C VAL A 40 17.21 13.95 -0.59
N GLY A 41 16.29 14.46 -1.42
CA GLY A 41 16.09 13.90 -2.76
C GLY A 41 14.75 14.31 -3.35
N ARG A 42 14.19 13.49 -4.23
CA ARG A 42 12.90 13.83 -4.90
C ARG A 42 11.85 12.76 -4.60
N ALA A 43 10.57 13.14 -4.62
CA ALA A 43 9.47 12.18 -4.33
C ALA A 43 8.45 12.20 -5.47
N ALA A 44 8.45 11.17 -6.32
CA ALA A 44 7.47 11.07 -7.42
C ALA A 44 6.35 10.10 -6.99
N VAL A 45 5.09 10.56 -7.01
CA VAL A 45 3.95 9.71 -6.57
C VAL A 45 2.98 9.53 -7.75
N SER A 46 2.70 8.29 -8.14
CA SER A 46 1.75 8.02 -9.25
C SER A 46 0.91 6.77 -8.91
N GLN A 47 -0.36 6.77 -9.33
CA GLN A 47 -1.26 5.62 -9.04
C GLN A 47 -1.71 4.97 -10.35
N ALA A 48 -1.41 5.63 -11.49
CA ALA A 48 -1.81 5.08 -12.81
C ALA A 48 -3.32 4.86 -12.85
N VAL A 49 -4.10 5.84 -12.40
CA VAL A 49 -5.59 5.72 -12.39
C VAL A 49 -6.19 6.93 -13.09
N SER A 50 -7.46 7.26 -12.78
CA SER A 50 -8.13 8.43 -13.40
C SER A 50 -8.38 9.51 -12.32
N PRO A 51 -7.98 10.78 -12.55
CA PRO A 51 -6.93 11.11 -13.51
C PRO A 51 -5.55 10.69 -12.99
N PRO A 52 -4.58 10.36 -13.87
CA PRO A 52 -3.26 9.91 -13.44
C PRO A 52 -2.66 10.81 -12.36
N LEU A 53 -2.14 10.19 -11.29
CA LEU A 53 -1.50 10.98 -10.20
C LEU A 53 -0.05 11.26 -10.59
N ASN A 54 0.37 12.53 -10.55
CA ASN A 54 1.76 12.90 -10.89
C ASN A 54 2.30 13.85 -9.82
N PHE A 55 2.48 13.36 -8.59
CA PHE A 55 2.96 14.22 -7.48
C PHE A 55 4.49 14.21 -7.47
N HIS A 56 5.11 15.40 -7.48
CA HIS A 56 6.59 15.50 -7.42
C HIS A 56 6.98 16.60 -6.42
N ALA A 57 7.80 16.26 -5.43
CA ALA A 57 8.16 17.25 -4.39
C ALA A 57 9.57 16.99 -3.88
N ASP A 58 10.37 18.04 -3.71
CA ASP A 58 11.72 17.84 -3.12
C ASP A 58 11.51 17.37 -1.68
N VAL A 59 12.10 16.24 -1.30
CA VAL A 59 11.86 15.69 0.06
C VAL A 59 13.17 15.64 0.85
N TRP A 60 13.14 16.08 2.11
CA TRP A 60 14.34 16.04 2.97
C TRP A 60 13.95 15.44 4.33
N GLY A 61 14.93 14.99 5.12
CA GLY A 61 14.64 14.41 6.44
C GLY A 61 15.86 13.74 7.04
N SER A 62 15.65 12.73 7.89
CA SER A 62 16.78 12.05 8.56
C SER A 62 16.41 10.58 8.82
N TYR A 63 17.41 9.76 9.19
CA TYR A 63 17.13 8.34 9.53
C TYR A 63 17.68 8.04 10.92
N VAL A 64 17.05 7.10 11.63
CA VAL A 64 17.50 6.76 13.02
C VAL A 64 17.53 5.23 13.16
N PHE A 65 18.72 4.64 13.20
CA PHE A 65 18.81 3.17 13.43
C PHE A 65 18.39 2.88 14.88
N ARG A 66 17.62 1.82 15.08
CA ARG A 66 17.09 1.51 16.44
C ARG A 66 17.21 0.00 16.69
N LEU A 67 17.69 -0.40 17.87
CA LEU A 67 17.85 -1.84 18.20
C LEU A 67 16.63 -2.32 18.99
N ALA A 78 16.85 -4.60 15.44
CA ALA A 78 17.46 -3.59 14.55
C ALA A 78 16.48 -3.16 13.44
N ILE A 79 16.05 -1.90 13.55
CA ILE A 79 15.14 -1.26 12.61
C ILE A 79 15.86 -0.02 12.12
N VAL A 80 15.71 0.33 10.84
CA VAL A 80 16.17 1.63 10.38
C VAL A 80 15.00 2.53 10.06
N GLN A 81 14.82 3.53 10.90
CA GLN A 81 13.68 4.42 10.74
C GLN A 81 14.08 5.71 10.05
N ILE A 82 13.43 6.02 8.93
CA ILE A 82 13.70 7.23 8.18
C ILE A 82 12.44 8.08 8.21
N SER A 83 12.55 9.32 8.71
CA SER A 83 11.39 10.24 8.69
C SER A 83 11.65 11.32 7.64
N LEU A 84 10.75 11.50 6.67
CA LEU A 84 11.01 12.46 5.56
C LEU A 84 9.83 13.42 5.39
N GLN A 85 10.12 14.67 4.98
CA GLN A 85 9.05 15.66 4.71
C GLN A 85 9.41 16.34 3.37
N GLY A 86 8.41 16.81 2.62
CA GLY A 86 8.73 17.36 1.30
C GLY A 86 7.83 18.50 0.83
N ASN A 87 8.30 19.22 -0.22
CA ASN A 87 7.60 20.37 -0.80
C ASN A 87 8.10 20.72 -2.20
N GLN A 88 7.69 21.90 -2.69
CA GLN A 88 8.22 22.47 -3.94
C GLN A 88 9.43 23.34 -3.58
N GLY A 89 10.60 22.78 -3.80
CA GLY A 89 11.85 23.49 -3.71
C GLY A 89 12.78 22.97 -2.64
N GLY A 90 12.27 22.31 -1.61
CA GLY A 90 13.17 21.90 -0.56
C GLY A 90 12.97 22.77 0.66
N PRO A 91 13.87 22.62 1.63
CA PRO A 91 13.64 23.24 2.94
C PRO A 91 13.88 24.75 3.02
N GLN A 92 14.70 25.34 2.14
CA GLN A 92 14.83 26.80 2.21
C GLN A 92 13.66 27.53 1.53
N SER A 93 12.88 26.85 0.71
CA SER A 93 11.64 27.41 0.18
C SER A 93 10.52 27.45 1.23
N ASN A 94 9.70 28.51 1.19
CA ASN A 94 8.53 28.66 2.06
C ASN A 94 7.28 28.07 1.48
N SER A 95 7.38 27.25 0.46
CA SER A 95 6.21 26.63 -0.12
C SER A 95 5.61 25.64 0.89
N MET A 96 4.29 25.43 0.81
CA MET A 96 3.61 24.55 1.77
C MET A 96 4.10 23.10 1.66
N ILE A 97 4.15 22.45 2.83
CA ILE A 97 4.50 21.06 2.90
C ILE A 97 3.45 20.23 2.20
N THR A 98 3.87 19.44 1.24
CA THR A 98 2.95 18.61 0.48
C THR A 98 3.24 17.14 0.70
N PHE A 99 4.17 16.80 1.59
CA PHE A 99 4.57 15.42 1.73
C PHE A 99 5.08 15.08 3.10
N TYR A 100 4.60 13.99 3.63
CA TYR A 100 5.20 13.38 4.80
C TYR A 100 5.34 11.88 4.55
N GLY A 101 6.48 11.31 4.90
CA GLY A 101 6.72 9.89 4.75
C GLY A 101 7.56 9.36 5.90
N GLU A 102 7.32 8.12 6.30
CA GLU A 102 8.14 7.44 7.31
C GLU A 102 8.46 6.03 6.81
N LEU A 103 9.74 5.72 6.62
CA LEU A 103 10.15 4.39 6.17
C LEU A 103 10.73 3.67 7.38
N LEU A 104 10.18 2.49 7.69
CA LEU A 104 10.70 1.67 8.81
C LEU A 104 11.42 0.46 8.22
N LEU A 105 12.56 0.68 7.57
CA LEU A 105 13.29 -0.44 6.89
C LEU A 105 13.84 -1.41 7.93
N LYS A 106 14.04 -2.67 7.54
CA LYS A 106 14.60 -3.70 8.45
C LYS A 106 16.10 -3.43 8.65
N GLY A 107 16.74 -4.16 9.56
CA GLY A 107 18.16 -3.91 9.85
C GLY A 107 19.03 -4.02 8.61
N ASP A 108 18.64 -4.86 7.64
CA ASP A 108 19.39 -4.97 6.36
C ASP A 108 19.17 -3.69 5.54
N GLY A 109 17.94 -3.15 5.57
CA GLY A 109 17.64 -1.90 4.84
C GLY A 109 17.14 -2.15 3.43
N LYS A 110 17.19 -3.41 2.99
CA LYS A 110 16.78 -3.76 1.60
C LYS A 110 15.26 -3.60 1.46
N THR A 111 14.50 -4.05 2.46
CA THR A 111 13.01 -4.00 2.38
C THR A 111 12.43 -3.62 3.75
N GLY A 112 11.12 -3.39 3.81
CA GLY A 112 10.45 -3.00 5.08
C GLY A 112 9.10 -2.35 4.83
N VAL A 113 8.40 -1.97 5.90
CA VAL A 113 7.04 -1.35 5.77
C VAL A 113 7.18 0.18 5.80
N ALA A 114 6.16 0.91 5.34
CA ALA A 114 6.29 2.39 5.28
C ALA A 114 4.94 3.09 5.06
N SER A 115 4.84 4.35 5.48
CA SER A 115 3.65 5.16 5.29
C SER A 115 4.03 6.55 4.77
N TYR A 116 3.18 7.12 3.91
CA TYR A 116 3.49 8.44 3.32
C TYR A 116 2.22 9.20 2.96
N ARG A 117 2.28 10.53 2.98
CA ARG A 117 1.10 11.37 2.60
C ARG A 117 1.57 12.39 1.56
N TYR A 118 0.94 12.42 0.39
CA TYR A 118 1.28 13.44 -0.64
C TYR A 118 0.09 14.38 -0.81
N TYR A 119 0.35 15.66 -1.10
CA TYR A 119 -0.75 16.65 -1.19
C TYR A 119 -1.14 16.85 -2.66
N SER A 120 -2.44 16.79 -2.96
CA SER A 120 -2.91 17.02 -4.35
C SER A 120 -4.32 17.61 -4.34
N ASN A 121 -4.62 18.49 -5.30
CA ASN A 121 -5.97 19.09 -5.42
C ASN A 121 -6.46 19.56 -4.04
N GLY A 122 -5.68 20.41 -3.36
CA GLY A 122 -6.13 20.96 -2.11
C GLY A 122 -6.40 19.90 -1.09
N SER A 123 -5.82 18.71 -1.24
CA SER A 123 -6.17 17.61 -0.30
C SER A 123 -4.97 16.73 0.02
N TRP A 124 -4.96 16.14 1.22
CA TRP A 124 -3.87 15.23 1.62
C TRP A 124 -4.28 13.78 1.33
N HIS A 125 -3.39 13.00 0.71
CA HIS A 125 -3.70 11.59 0.38
C HIS A 125 -2.79 10.69 1.22
N GLU A 126 -3.37 9.79 2.02
CA GLU A 126 -2.53 8.98 2.95
C GLU A 126 -2.36 7.54 2.45
N VAL A 127 -1.13 7.04 2.44
CA VAL A 127 -0.83 5.67 2.06
C VAL A 127 -0.08 5.00 3.20
N GLU A 128 -0.68 3.96 3.79
CA GLU A 128 -0.21 3.36 5.04
C GLU A 128 0.20 1.91 4.84
N ASN A 129 1.33 1.55 5.40
CA ASN A 129 1.75 0.15 5.48
C ASN A 129 1.90 -0.46 4.09
N VAL A 130 2.60 0.26 3.24
CA VAL A 130 2.81 -0.25 1.90
C VAL A 130 4.25 -0.74 1.86
N PRO A 131 4.55 -1.75 1.05
CA PRO A 131 5.90 -2.31 1.01
C PRO A 131 6.94 -1.32 0.48
N VAL A 132 8.20 -1.53 0.88
CA VAL A 132 9.33 -0.74 0.38
C VAL A 132 10.41 -1.69 -0.12
N LYS A 133 10.97 -1.38 -1.30
CA LYS A 133 12.13 -2.08 -1.83
C LYS A 133 13.06 -1.00 -2.34
N ALA A 134 14.37 -1.27 -2.24
CA ALA A 134 15.35 -0.39 -2.87
C ALA A 134 15.67 -0.82 -4.30
N ASP A 135 15.97 0.16 -5.13
CA ASP A 135 16.18 -0.03 -6.55
C ASP A 135 14.92 -0.59 -7.19
N LEU B 5 -25.94 0.04 12.98
CA LEU B 5 -26.66 0.04 11.71
C LEU B 5 -26.91 1.47 11.19
N ARG B 6 -26.04 1.90 10.28
CA ARG B 6 -26.22 3.24 9.65
C ARG B 6 -26.59 3.03 8.18
N VAL B 7 -26.97 4.11 7.49
CA VAL B 7 -27.28 4.01 6.03
C VAL B 7 -26.08 3.33 5.36
N GLY B 8 -26.34 2.49 4.36
CA GLY B 8 -25.22 1.73 3.74
C GLY B 8 -24.63 0.77 4.77
N LEU B 9 -23.30 0.76 4.90
CA LEU B 9 -22.64 -0.19 5.83
C LEU B 9 -23.17 -1.60 5.52
N PHE B 10 -23.57 -1.83 4.27
CA PHE B 10 -24.08 -3.16 3.85
C PHE B 10 -22.92 -4.16 3.74
N PRO B 11 -23.17 -5.48 3.92
CA PRO B 11 -22.13 -6.49 3.77
C PRO B 11 -21.94 -6.88 2.30
N VAL B 12 -20.77 -7.41 1.93
CA VAL B 12 -20.53 -7.89 0.54
C VAL B 12 -19.49 -9.01 0.55
N ARG B 13 -19.75 -10.10 -0.17
CA ARG B 13 -18.81 -11.19 -0.26
C ARG B 13 -18.28 -11.13 -1.68
N TYR B 14 -16.94 -11.12 -1.82
CA TYR B 14 -16.27 -11.14 -3.11
C TYR B 14 -15.46 -12.42 -3.21
N LEU B 15 -15.60 -13.07 -4.34
CA LEU B 15 -14.74 -14.20 -4.68
C LEU B 15 -13.68 -13.76 -5.67
N VAL B 16 -12.43 -13.86 -5.27
CA VAL B 16 -11.32 -13.37 -6.06
C VAL B 16 -10.63 -14.65 -6.52
N GLY B 17 -10.59 -14.88 -7.85
CA GLY B 17 -9.96 -16.03 -8.48
C GLY B 17 -10.50 -16.34 -9.87
N THR B 18 -9.73 -17.13 -10.61
CA THR B 18 -10.10 -17.62 -11.95
C THR B 18 -11.20 -18.68 -11.93
N GLY B 19 -11.36 -19.39 -10.83
CA GLY B 19 -12.33 -20.45 -10.68
C GLY B 19 -11.84 -21.72 -11.32
N LEU B 20 -10.56 -21.76 -11.73
CA LEU B 20 -10.01 -22.95 -12.35
C LEU B 20 -9.58 -23.93 -11.26
N PRO B 21 -9.73 -25.23 -11.47
CA PRO B 21 -9.29 -26.23 -10.49
C PRO B 21 -7.86 -25.96 -10.04
N GLY B 22 -7.65 -25.96 -8.74
CA GLY B 22 -6.26 -25.80 -8.31
C GLY B 22 -5.78 -24.37 -8.23
N ALA B 23 -6.59 -23.42 -8.63
CA ALA B 23 -6.16 -22.05 -8.62
C ALA B 23 -6.32 -21.49 -7.22
N PRO B 24 -5.55 -20.45 -6.84
CA PRO B 24 -5.73 -19.81 -5.52
C PRO B 24 -7.06 -19.03 -5.51
N GLN B 25 -7.86 -19.22 -4.47
CA GLN B 25 -9.16 -18.50 -4.37
C GLN B 25 -9.16 -17.60 -3.13
N LEU B 26 -9.57 -16.34 -3.29
CA LEU B 26 -9.68 -15.41 -2.14
C LEU B 26 -11.15 -15.06 -1.93
N VAL B 27 -11.69 -15.36 -0.74
CA VAL B 27 -13.11 -15.02 -0.42
C VAL B 27 -13.10 -13.83 0.54
N LEU B 28 -13.50 -12.65 0.07
CA LEU B 28 -13.54 -11.48 0.94
C LEU B 28 -14.96 -11.25 1.43
N ASP B 29 -15.17 -11.37 2.75
CA ASP B 29 -16.49 -11.02 3.32
C ASP B 29 -16.32 -9.65 3.96
N LEU B 30 -16.51 -8.58 3.19
CA LEU B 30 -16.21 -7.22 3.74
C LEU B 30 -17.47 -6.36 3.82
N MET B 31 -17.55 -5.49 4.84
CA MET B 31 -18.68 -4.55 4.97
C MET B 31 -18.29 -3.28 4.20
N VAL B 32 -19.25 -2.61 3.55
CA VAL B 32 -18.89 -1.46 2.74
C VAL B 32 -19.62 -0.27 3.32
N ASP B 33 -18.84 0.75 3.64
CA ASP B 33 -19.33 2.03 4.11
C ASP B 33 -19.30 2.94 2.90
N THR B 34 -20.49 3.15 2.31
CA THR B 34 -20.55 4.03 1.15
C THR B 34 -20.53 5.51 1.55
N VAL B 35 -20.49 5.80 2.85
CA VAL B 35 -20.36 7.13 3.44
C VAL B 35 -18.91 7.42 3.75
N ASP B 36 -18.29 6.62 4.62
CA ASP B 36 -16.88 6.92 4.88
C ASP B 36 -16.03 6.42 3.74
N HIS B 37 -16.66 5.73 2.78
CA HIS B 37 -16.01 5.05 1.66
C HIS B 37 -15.02 3.99 2.14
N SER B 38 -15.26 3.42 3.31
CA SER B 38 -14.36 2.43 3.92
C SER B 38 -14.94 1.02 3.79
N VAL B 39 -14.06 0.04 3.83
CA VAL B 39 -14.41 -1.37 3.66
C VAL B 39 -13.63 -2.07 4.78
N VAL B 40 -14.27 -3.03 5.46
CA VAL B 40 -13.62 -3.83 6.51
C VAL B 40 -14.02 -5.31 6.49
N GLY B 41 -13.16 -6.21 6.99
CA GLY B 41 -13.59 -7.61 7.05
C GLY B 41 -12.46 -8.61 7.21
N ARG B 42 -12.59 -9.77 6.58
CA ARG B 42 -11.55 -10.84 6.69
C ARG B 42 -11.24 -11.39 5.30
N ALA B 43 -10.07 -12.04 5.14
CA ALA B 43 -9.66 -12.58 3.83
C ALA B 43 -9.30 -14.07 3.97
N ALA B 44 -9.83 -14.91 3.09
CA ALA B 44 -9.50 -16.35 3.10
C ALA B 44 -8.95 -16.75 1.73
N VAL B 45 -7.64 -17.02 1.65
CA VAL B 45 -7.03 -17.35 0.38
C VAL B 45 -6.79 -18.85 0.54
N SER B 46 -7.32 -19.64 -0.36
CA SER B 46 -7.07 -21.06 -0.27
C SER B 46 -6.75 -21.62 -1.62
N GLN B 47 -6.24 -22.85 -1.63
CA GLN B 47 -5.90 -23.52 -2.92
C GLN B 47 -5.97 -25.04 -2.71
N ALA B 48 -6.65 -25.75 -3.62
CA ALA B 48 -6.78 -27.22 -3.49
C ALA B 48 -5.46 -27.87 -3.85
N VAL B 49 -4.49 -27.87 -2.92
CA VAL B 49 -3.14 -28.43 -3.22
C VAL B 49 -2.69 -29.27 -2.01
N SER B 50 -1.58 -30.00 -2.16
CA SER B 50 -1.02 -30.80 -1.05
C SER B 50 0.32 -30.21 -0.61
N PRO B 51 0.54 -29.94 0.71
CA PRO B 51 -0.54 -29.97 1.71
C PRO B 51 -1.57 -28.86 1.49
N PRO B 52 -2.80 -29.00 2.00
CA PRO B 52 -3.84 -27.96 1.87
C PRO B 52 -3.43 -26.64 2.53
N LEU B 53 -3.88 -25.52 1.98
CA LEU B 53 -3.55 -24.18 2.55
C LEU B 53 -4.79 -23.59 3.23
N ASN B 54 -4.61 -22.95 4.40
CA ASN B 54 -5.73 -22.36 5.13
C ASN B 54 -5.30 -21.08 5.80
N PHE B 55 -5.10 -20.08 4.96
CA PHE B 55 -4.69 -18.78 5.41
C PHE B 55 -5.91 -17.92 5.63
N HIS B 56 -5.90 -17.21 6.73
CA HIS B 56 -6.96 -16.30 7.10
C HIS B 56 -6.26 -15.06 7.62
N ALA B 57 -6.89 -13.92 7.37
CA ALA B 57 -6.40 -12.65 7.86
C ALA B 57 -7.62 -11.74 7.91
N ASP B 58 -7.66 -10.94 8.94
CA ASP B 58 -8.56 -9.83 9.05
C ASP B 58 -8.12 -8.62 8.23
N VAL B 59 -9.04 -8.09 7.41
CA VAL B 59 -8.72 -7.03 6.46
C VAL B 59 -9.54 -5.76 6.69
N TRP B 60 -8.98 -4.63 6.27
CA TRP B 60 -9.65 -3.35 6.32
C TRP B 60 -9.09 -2.50 5.17
N GLY B 61 -9.87 -1.51 4.73
CA GLY B 61 -9.37 -0.57 3.73
C GLY B 61 -10.40 0.44 3.25
N SER B 62 -10.35 0.83 1.98
CA SER B 62 -11.31 1.82 1.50
C SER B 62 -11.52 1.67 0.02
N TYR B 63 -12.55 2.38 -0.45
CA TYR B 63 -12.88 2.34 -1.90
C TYR B 63 -12.93 3.75 -2.45
N VAL B 64 -12.73 3.89 -3.76
CA VAL B 64 -12.73 5.17 -4.48
C VAL B 64 -13.40 5.01 -5.84
N PHE B 65 -14.21 6.01 -6.22
CA PHE B 65 -14.85 6.03 -7.52
C PHE B 65 -14.13 7.02 -8.45
N ARG B 66 -13.80 6.56 -9.67
CA ARG B 66 -13.15 7.41 -10.67
C ARG B 66 -13.83 7.35 -12.03
N LEU B 67 -14.16 8.52 -12.56
CA LEU B 67 -14.84 8.63 -13.86
C LEU B 67 -13.89 9.01 -15.02
N ALA B 78 -15.54 4.54 -15.92
CA ALA B 78 -16.08 4.51 -14.56
C ALA B 78 -15.67 3.22 -13.87
N ILE B 79 -14.82 3.38 -12.86
CA ILE B 79 -14.26 2.31 -12.03
C ILE B 79 -14.57 2.53 -10.55
N VAL B 80 -14.79 1.41 -9.87
CA VAL B 80 -14.83 1.37 -8.42
C VAL B 80 -13.56 0.66 -7.95
N GLN B 81 -12.69 1.44 -7.32
CA GLN B 81 -11.40 0.97 -6.84
C GLN B 81 -11.46 0.72 -5.35
N ILE B 82 -11.12 -0.50 -4.94
CA ILE B 82 -11.10 -0.92 -3.54
C ILE B 82 -9.68 -1.27 -3.12
N SER B 83 -9.14 -0.60 -2.11
CA SER B 83 -7.83 -0.95 -1.57
C SER B 83 -7.89 -1.69 -0.23
N LEU B 84 -7.12 -2.79 -0.12
CA LEU B 84 -7.17 -3.63 1.09
C LEU B 84 -5.79 -4.07 1.61
N GLN B 85 -5.64 -4.09 2.96
CA GLN B 85 -4.58 -4.81 3.68
C GLN B 85 -5.15 -5.56 4.88
N GLY B 86 -4.41 -6.54 5.37
CA GLY B 86 -4.89 -7.39 6.44
C GLY B 86 -3.76 -7.97 7.29
N ASN B 87 -4.15 -8.50 8.44
CA ASN B 87 -3.15 -9.10 9.35
C ASN B 87 -3.87 -9.93 10.41
N GLN B 88 -3.12 -10.45 11.37
CA GLN B 88 -3.68 -11.21 12.49
C GLN B 88 -4.16 -10.24 13.59
N GLY B 89 -5.45 -9.97 13.66
CA GLY B 89 -6.02 -9.24 14.76
C GLY B 89 -6.68 -7.92 14.39
N GLY B 90 -6.27 -7.31 13.28
CA GLY B 90 -6.78 -6.02 12.83
C GLY B 90 -5.87 -4.81 12.99
N PRO B 91 -6.36 -3.61 12.64
CA PRO B 91 -5.45 -2.48 12.55
C PRO B 91 -5.07 -1.88 13.86
N GLN B 92 -5.93 -2.06 14.88
CA GLN B 92 -5.64 -1.57 16.22
C GLN B 92 -4.68 -2.51 16.91
N SER B 93 -4.59 -3.72 16.34
CA SER B 93 -3.57 -4.70 16.68
C SER B 93 -2.28 -4.23 16.01
N ASN B 94 -1.16 -4.47 16.67
CA ASN B 94 0.18 -4.18 16.15
C ASN B 94 0.72 -5.32 15.30
N SER B 95 -0.16 -6.17 14.78
CA SER B 95 0.30 -7.36 14.00
C SER B 95 0.89 -6.95 12.65
N MET B 96 1.78 -7.77 12.11
CA MET B 96 2.41 -7.47 10.79
C MET B 96 1.40 -7.76 9.68
N ILE B 97 1.49 -7.04 8.56
CA ILE B 97 0.49 -7.22 7.46
C ILE B 97 0.72 -8.57 6.77
N THR B 98 -0.35 -9.36 6.62
CA THR B 98 -0.29 -10.65 5.94
C THR B 98 -1.13 -10.66 4.68
N PHE B 99 -1.66 -9.50 4.29
CA PHE B 99 -2.55 -9.44 3.10
C PHE B 99 -2.49 -8.07 2.43
N TYR B 100 -2.46 -8.04 1.10
CA TYR B 100 -2.48 -6.77 0.34
C TYR B 100 -3.35 -6.96 -0.89
N GLY B 101 -4.49 -6.28 -0.98
CA GLY B 101 -5.41 -6.50 -2.11
C GLY B 101 -5.80 -5.22 -2.82
N GLU B 102 -5.99 -5.28 -4.15
CA GLU B 102 -6.44 -4.09 -4.92
C GLU B 102 -7.47 -4.54 -5.97
N LEU B 103 -8.74 -4.16 -5.78
CA LEU B 103 -9.80 -4.63 -6.70
C LEU B 103 -10.30 -3.48 -7.58
N LEU B 104 -9.90 -3.45 -8.86
CA LEU B 104 -10.40 -2.42 -9.79
C LEU B 104 -11.69 -2.92 -10.44
N LEU B 105 -12.80 -2.92 -9.68
CA LEU B 105 -14.10 -3.43 -10.18
C LEU B 105 -14.74 -2.38 -11.10
N LYS B 106 -15.66 -2.81 -11.97
CA LYS B 106 -16.30 -1.87 -12.92
C LYS B 106 -17.22 -0.91 -12.16
N GLY B 107 -17.82 0.06 -12.87
CA GLY B 107 -18.69 1.05 -12.21
C GLY B 107 -19.78 0.38 -11.39
N ASP B 108 -20.29 -0.77 -11.87
CA ASP B 108 -21.34 -1.51 -11.13
C ASP B 108 -20.77 -1.97 -9.77
N GLY B 109 -19.49 -2.31 -9.72
CA GLY B 109 -18.86 -2.79 -8.48
C GLY B 109 -19.26 -4.23 -8.17
N LYS B 110 -19.75 -4.95 -9.19
CA LYS B 110 -20.19 -6.35 -9.00
C LYS B 110 -19.28 -7.29 -9.78
N THR B 111 -18.49 -6.76 -10.72
CA THR B 111 -17.55 -7.57 -11.47
C THR B 111 -16.33 -6.67 -11.71
N GLY B 112 -15.17 -7.27 -11.94
CA GLY B 112 -13.98 -6.49 -12.23
C GLY B 112 -12.73 -7.37 -12.17
N VAL B 113 -11.59 -6.72 -11.89
CA VAL B 113 -10.31 -7.41 -11.83
C VAL B 113 -9.64 -7.13 -10.51
N ALA B 114 -8.77 -8.04 -10.07
CA ALA B 114 -8.17 -7.88 -8.76
C ALA B 114 -6.78 -8.47 -8.70
N SER B 115 -5.99 -7.91 -7.82
CA SER B 115 -4.74 -8.52 -7.45
C SER B 115 -4.66 -8.56 -5.94
N TYR B 116 -3.93 -9.54 -5.44
CA TYR B 116 -3.73 -9.56 -4.00
C TYR B 116 -2.42 -10.30 -3.76
N ARG B 117 -1.90 -10.13 -2.55
CA ARG B 117 -0.69 -10.78 -2.06
C ARG B 117 -0.99 -11.20 -0.63
N TYR B 118 -0.59 -12.41 -0.26
CA TYR B 118 -0.80 -12.87 1.10
C TYR B 118 0.46 -13.54 1.62
N TYR B 119 0.65 -13.49 2.95
CA TYR B 119 1.86 -14.04 3.58
C TYR B 119 1.54 -15.38 4.22
N SER B 120 2.33 -16.40 3.90
CA SER B 120 2.05 -17.77 4.34
C SER B 120 3.33 -18.57 4.20
N ASN B 121 3.65 -19.37 5.21
CA ASN B 121 4.86 -20.20 5.19
C ASN B 121 6.08 -19.31 4.98
N GLY B 122 6.14 -18.24 5.76
CA GLY B 122 7.28 -17.39 5.67
C GLY B 122 7.47 -16.73 4.34
N SER B 123 6.42 -16.59 3.52
CA SER B 123 6.65 -15.94 2.24
C SER B 123 5.39 -15.28 1.68
N TRP B 124 5.59 -14.23 0.87
CA TRP B 124 4.51 -13.56 0.15
C TRP B 124 4.34 -14.31 -1.18
N HIS B 125 3.11 -14.39 -1.64
CA HIS B 125 2.67 -15.05 -2.87
C HIS B 125 1.78 -14.09 -3.64
N GLU B 126 2.04 -13.92 -4.94
CA GLU B 126 1.29 -12.89 -5.72
C GLU B 126 0.19 -13.53 -6.56
N VAL B 127 -1.03 -12.99 -6.52
CA VAL B 127 -2.15 -13.49 -7.37
C VAL B 127 -2.71 -12.27 -8.10
N GLU B 128 -2.13 -11.91 -9.25
CA GLU B 128 -2.54 -10.67 -9.96
C GLU B 128 -3.51 -10.96 -11.11
N ASN B 129 -4.28 -9.96 -11.54
CA ASN B 129 -5.19 -10.11 -12.70
C ASN B 129 -6.07 -11.36 -12.53
N VAL B 130 -6.67 -11.52 -11.34
CA VAL B 130 -7.60 -12.68 -11.12
C VAL B 130 -9.02 -12.14 -11.07
N PRO B 131 -9.99 -12.75 -11.79
CA PRO B 131 -11.37 -12.26 -11.83
C PRO B 131 -11.98 -12.16 -10.43
N VAL B 132 -12.94 -11.25 -10.24
CA VAL B 132 -13.63 -11.12 -8.91
C VAL B 132 -15.13 -11.01 -9.18
N LYS B 133 -15.94 -11.79 -8.46
CA LYS B 133 -17.41 -11.71 -8.64
C LYS B 133 -18.06 -11.45 -7.27
N ALA B 134 -19.18 -10.73 -7.27
CA ALA B 134 -19.91 -10.43 -6.03
C ALA B 134 -21.15 -11.31 -5.94
N ASP B 135 -21.69 -11.51 -4.74
CA ASP B 135 -22.93 -12.30 -4.54
C ASP B 135 -22.77 -13.68 -5.19
#